data_7YXZ
#
_entry.id   7YXZ
#
_cell.length_a   76.365
_cell.length_b   125.542
_cell.length_c   118.577
_cell.angle_alpha   90.000
_cell.angle_beta   90.000
_cell.angle_gamma   90.000
#
_symmetry.space_group_name_H-M   'C 2 2 21'
#
loop_
_entity.id
_entity.type
_entity.pdbx_description
1 polymer 'Phosphopantetheine adenylyltransferase'
2 non-polymer 'COENZYME A'
3 water water
#
_entity_poly.entity_id   1
_entity_poly.type   'polypeptide(L)'
_entity_poly.pdbx_seq_one_letter_code
;SMTGAVCPGSFDPVTLGHLDVFERAAAQFDEVIVAVLINPNKAGMFTVDERIEMIRESTADLPNLRVESGQGLLVDFVRE
RGLNAIVKGLRTGTDFEYELQMAQMNKHIAGVDTFFVATAPAYSFVSSSLAKEVATYGGDVSALLPASVHQRLLGKLRGQ
AQ
;
_entity_poly.pdbx_strand_id   A,B,C
#
# COMPACT_ATOMS: atom_id res chain seq x y z
N MET A 2 -26.64 12.98 24.70
CA MET A 2 -26.63 13.43 23.32
C MET A 2 -25.30 13.08 22.63
N THR A 3 -24.53 12.18 23.24
CA THR A 3 -23.24 11.79 22.67
C THR A 3 -23.46 10.87 21.46
N GLY A 4 -22.46 10.79 20.58
CA GLY A 4 -22.64 9.95 19.42
C GLY A 4 -21.44 9.85 18.49
N ALA A 5 -21.38 8.77 17.73
CA ALA A 5 -20.27 8.58 16.82
C ALA A 5 -20.71 7.92 15.53
N VAL A 6 -19.93 8.16 14.48
CA VAL A 6 -20.17 7.52 13.20
C VAL A 6 -19.09 6.45 12.98
N CYS A 7 -19.50 5.25 12.56
CA CYS A 7 -18.56 4.20 12.13
C CYS A 7 -18.66 4.04 10.62
N PRO A 8 -17.70 4.60 9.89
CA PRO A 8 -17.75 4.67 8.43
C PRO A 8 -17.02 3.51 7.76
N GLY A 9 -17.39 3.21 6.53
CA GLY A 9 -16.64 2.23 5.76
C GLY A 9 -17.41 1.84 4.52
N SER A 10 -16.81 1.01 3.67
CA SER A 10 -17.51 0.56 2.49
C SER A 10 -18.34 -0.69 2.83
N PHE A 11 -17.88 -1.44 3.83
CA PHE A 11 -18.58 -2.65 4.34
C PHE A 11 -19.09 -3.57 3.23
N ASP A 12 -18.17 -4.05 2.42
CA ASP A 12 -18.48 -4.83 1.22
C ASP A 12 -17.79 -6.20 1.22
N PRO A 13 -18.20 -7.10 2.14
CA PRO A 13 -19.27 -7.02 3.12
C PRO A 13 -18.78 -6.71 4.52
N VAL A 14 -19.70 -6.37 5.41
CA VAL A 14 -19.41 -6.23 6.83
C VAL A 14 -18.77 -7.54 7.35
N THR A 15 -17.79 -7.41 8.24
CA THR A 15 -17.14 -8.56 8.85
C THR A 15 -17.41 -8.61 10.34
N LEU A 16 -16.99 -9.69 11.01
CA LEU A 16 -17.11 -9.75 12.46
C LEU A 16 -16.17 -8.74 13.14
N GLY A 17 -15.11 -8.33 12.43
CA GLY A 17 -14.24 -7.29 12.93
C GLY A 17 -14.99 -5.97 13.01
N HIS A 18 -15.74 -5.67 11.96
CA HIS A 18 -16.58 -4.46 11.94
C HIS A 18 -17.62 -4.51 13.05
N LEU A 19 -18.26 -5.67 13.20
CA LEU A 19 -19.34 -5.81 14.17
C LEU A 19 -18.82 -5.60 15.59
N ASP A 20 -17.61 -6.10 15.85
CA ASP A 20 -16.98 -5.90 17.14
C ASP A 20 -16.84 -4.40 17.41
N VAL A 21 -16.36 -3.66 16.41
CA VAL A 21 -16.19 -2.22 16.56
C VAL A 21 -17.56 -1.55 16.78
N PHE A 22 -18.56 -1.94 15.98
CA PHE A 22 -19.92 -1.39 16.14
C PHE A 22 -20.43 -1.56 17.57
N GLU A 23 -20.20 -2.75 18.12
CA GLU A 23 -20.64 -3.06 19.47
C GLU A 23 -19.92 -2.21 20.52
N ARG A 24 -18.61 -2.02 20.39
CA ARG A 24 -17.88 -1.15 21.33
C ARG A 24 -18.43 0.26 21.27
N ALA A 25 -18.61 0.76 20.05
CA ALA A 25 -19.10 2.13 19.88
C ALA A 25 -20.47 2.26 20.52
N ALA A 26 -21.32 1.27 20.29
CA ALA A 26 -22.70 1.33 20.78
C ALA A 26 -22.74 1.28 22.32
N ALA A 27 -21.74 0.64 22.92
CA ALA A 27 -21.67 0.54 24.38
C ALA A 27 -21.17 1.85 25.02
N GLN A 28 -20.53 2.71 24.24
CA GLN A 28 -19.81 3.85 24.82
C GLN A 28 -20.32 5.22 24.37
N PHE A 29 -21.18 5.24 23.36
CA PHE A 29 -21.82 6.47 22.88
C PHE A 29 -23.33 6.31 22.91
N ASP A 30 -24.08 7.41 23.10
CA ASP A 30 -25.54 7.29 23.18
C ASP A 30 -26.14 6.81 21.86
N GLU A 31 -25.66 7.35 20.74
CA GLU A 31 -26.15 6.86 19.45
C GLU A 31 -24.97 6.57 18.53
N VAL A 32 -25.13 5.55 17.71
CA VAL A 32 -24.13 5.21 16.71
C VAL A 32 -24.79 5.13 15.34
N ILE A 33 -24.13 5.73 14.34
CA ILE A 33 -24.57 5.58 12.95
C ILE A 33 -23.48 4.89 12.15
N VAL A 34 -23.83 3.75 11.57
CA VAL A 34 -22.93 3.08 10.62
C VAL A 34 -23.10 3.76 9.27
N ALA A 35 -22.01 4.36 8.78
CA ALA A 35 -22.06 5.08 7.51
C ALA A 35 -21.52 4.20 6.39
N VAL A 36 -22.43 3.75 5.53
CA VAL A 36 -22.03 2.98 4.36
C VAL A 36 -21.73 3.94 3.24
N LEU A 37 -20.44 4.23 3.05
CA LEU A 37 -20.04 5.24 2.09
C LEU A 37 -19.74 4.59 0.75
N ILE A 38 -20.39 5.15 -0.27
CA ILE A 38 -20.41 4.62 -1.63
C ILE A 38 -19.64 5.55 -2.57
N ASN A 39 -18.74 4.98 -3.37
CA ASN A 39 -18.20 5.69 -4.52
C ASN A 39 -19.08 5.35 -5.71
N PRO A 40 -19.78 6.36 -6.26
CA PRO A 40 -20.75 6.10 -7.33
C PRO A 40 -20.09 5.56 -8.60
N ASN A 41 -18.77 5.59 -8.66
CA ASN A 41 -18.04 5.11 -9.84
C ASN A 41 -17.54 3.66 -9.69
N LYS A 42 -17.40 3.20 -8.44
CA LYS A 42 -16.92 1.84 -8.16
C LYS A 42 -18.04 0.96 -7.61
N ALA A 43 -18.30 -0.17 -8.27
CA ALA A 43 -19.46 -1.00 -7.94
C ALA A 43 -19.28 -1.84 -6.68
N GLY A 44 -18.15 -2.54 -6.58
CA GLY A 44 -17.95 -3.47 -5.49
C GLY A 44 -18.79 -4.72 -5.66
N MET A 45 -18.77 -5.61 -4.66
CA MET A 45 -19.49 -6.88 -4.77
C MET A 45 -20.97 -6.76 -4.48
N PHE A 46 -21.30 -6.05 -3.40
CA PHE A 46 -22.68 -5.91 -2.95
C PHE A 46 -23.23 -4.53 -3.23
N THR A 47 -24.51 -4.47 -3.58
CA THR A 47 -25.20 -3.19 -3.73
C THR A 47 -25.35 -2.50 -2.39
N VAL A 48 -25.65 -1.21 -2.40
CA VAL A 48 -25.79 -0.50 -1.15
C VAL A 48 -26.93 -1.12 -0.31
N ASP A 49 -28.05 -1.52 -0.95
CA ASP A 49 -29.13 -2.14 -0.18
C ASP A 49 -28.71 -3.47 0.48
N GLU A 50 -27.93 -4.27 -0.25
CA GLU A 50 -27.43 -5.53 0.32
C GLU A 50 -26.51 -5.27 1.49
N ARG A 51 -25.61 -4.30 1.35
CA ARG A 51 -24.68 -3.98 2.44
C ARG A 51 -25.44 -3.56 3.70
N ILE A 52 -26.46 -2.73 3.52
CA ILE A 52 -27.22 -2.25 4.67
C ILE A 52 -27.99 -3.39 5.32
N GLU A 53 -28.60 -4.25 4.52
CA GLU A 53 -29.37 -5.34 5.09
C GLU A 53 -28.46 -6.29 5.91
N MET A 54 -27.26 -6.57 5.41
CA MET A 54 -26.34 -7.47 6.12
C MET A 54 -25.92 -6.87 7.46
N ILE A 55 -25.69 -5.56 7.47
CA ILE A 55 -25.34 -4.88 8.71
C ILE A 55 -26.52 -4.87 9.68
N ARG A 56 -27.71 -4.53 9.19
CA ARG A 56 -28.88 -4.49 10.06
C ARG A 56 -29.20 -5.84 10.69
N GLU A 57 -29.10 -6.90 9.90
CA GLU A 57 -29.41 -8.23 10.43
C GLU A 57 -28.44 -8.61 11.54
N SER A 58 -27.19 -8.15 11.45
CA SER A 58 -26.18 -8.54 12.45
C SER A 58 -26.09 -7.57 13.64
N THR A 59 -26.82 -6.46 13.58
CA THR A 59 -26.81 -5.47 14.66
C THR A 59 -28.16 -5.30 15.35
N ALA A 60 -29.03 -6.29 15.19
CA ALA A 60 -30.42 -6.15 15.62
C ALA A 60 -30.53 -5.95 17.14
N ASP A 61 -29.54 -6.43 17.87
CA ASP A 61 -29.54 -6.35 19.33
C ASP A 61 -28.89 -5.07 19.85
N LEU A 62 -28.64 -4.10 18.96
CA LEU A 62 -28.07 -2.82 19.38
C LEU A 62 -29.08 -1.71 19.10
N PRO A 63 -29.91 -1.38 20.09
CA PRO A 63 -31.05 -0.50 19.85
C PRO A 63 -30.65 0.94 19.54
N ASN A 64 -29.43 1.32 19.87
CA ASN A 64 -29.00 2.70 19.66
C ASN A 64 -28.12 2.89 18.42
N LEU A 65 -28.12 1.89 17.55
CA LEU A 65 -27.33 1.95 16.31
C LEU A 65 -28.24 1.97 15.10
N ARG A 66 -27.95 2.85 14.15
CA ARG A 66 -28.65 2.84 12.87
C ARG A 66 -27.68 2.87 11.71
N VAL A 67 -28.17 2.46 10.53
CA VAL A 67 -27.33 2.31 9.34
C VAL A 67 -27.84 3.23 8.25
N GLU A 68 -26.95 4.06 7.71
CA GLU A 68 -27.32 4.97 6.63
C GLU A 68 -26.20 5.01 5.60
N SER A 69 -26.53 5.15 4.32
CA SER A 69 -25.51 5.27 3.29
C SER A 69 -25.23 6.74 2.96
N GLY A 70 -24.13 7.00 2.27
CA GLY A 70 -23.78 8.35 1.90
C GLY A 70 -22.67 8.37 0.86
N GLN A 71 -22.31 9.56 0.41
CA GLN A 71 -21.14 9.72 -0.46
C GLN A 71 -20.57 11.11 -0.23
N GLY A 72 -19.45 11.42 -0.89
CA GLY A 72 -18.78 12.68 -0.64
C GLY A 72 -17.96 12.63 0.64
N LEU A 73 -17.80 13.79 1.29
CA LEU A 73 -16.92 13.87 2.48
C LEU A 73 -17.52 13.21 3.71
N LEU A 74 -16.69 12.42 4.39
CA LEU A 74 -17.13 11.78 5.61
C LEU A 74 -17.50 12.82 6.65
N VAL A 75 -16.73 13.88 6.78
CA VAL A 75 -17.00 14.86 7.82
C VAL A 75 -18.33 15.58 7.58
N ASP A 76 -18.77 15.67 6.32
CA ASP A 76 -20.09 16.24 6.02
C ASP A 76 -21.21 15.33 6.54
N PHE A 77 -21.05 14.02 6.37
CA PHE A 77 -22.00 13.03 6.86
C PHE A 77 -22.11 13.12 8.38
N VAL A 78 -20.95 13.19 9.03
CA VAL A 78 -20.92 13.30 10.49
C VAL A 78 -21.58 14.60 10.99
N ARG A 79 -21.16 15.74 10.47
CA ARG A 79 -21.61 17.03 11.00
C ARG A 79 -23.10 17.30 10.71
N GLU A 80 -23.60 16.81 9.58
CA GLU A 80 -25.00 17.07 9.24
C GLU A 80 -25.93 16.29 10.16
N ARG A 81 -25.39 15.30 10.89
CA ARG A 81 -26.15 14.59 11.92
C ARG A 81 -25.94 15.20 13.31
N GLY A 82 -25.27 16.34 13.36
CA GLY A 82 -25.02 17.04 14.61
C GLY A 82 -23.99 16.35 15.48
N LEU A 83 -23.12 15.55 14.88
CA LEU A 83 -22.10 14.84 15.65
C LEU A 83 -20.72 15.34 15.24
N ASN A 84 -19.67 14.94 15.96
CA ASN A 84 -18.34 15.24 15.47
C ASN A 84 -17.31 14.25 16.02
N ALA A 85 -17.73 12.99 16.05
CA ALA A 85 -16.81 11.87 16.35
C ALA A 85 -16.96 10.74 15.34
N ILE A 86 -15.80 10.16 14.98
CA ILE A 86 -15.68 8.97 14.15
C ILE A 86 -15.04 7.88 15.00
N VAL A 87 -15.56 6.66 14.93
CA VAL A 87 -14.89 5.52 15.55
C VAL A 87 -14.44 4.56 14.44
N LYS A 88 -13.15 4.24 14.44
CA LYS A 88 -12.53 3.33 13.45
C LYS A 88 -11.87 2.16 14.17
N GLY A 89 -11.97 0.99 13.58
CA GLY A 89 -11.34 -0.18 14.17
C GLY A 89 -9.90 -0.34 13.70
N LEU A 90 -9.08 -0.97 14.53
CA LEU A 90 -7.71 -1.32 14.12
C LEU A 90 -7.60 -2.83 14.12
N ARG A 91 -7.02 -3.38 13.05
CA ARG A 91 -6.84 -4.82 12.96
C ARG A 91 -5.43 -5.10 12.46
N THR A 92 -5.08 -6.39 12.40
CA THR A 92 -3.83 -6.80 11.77
C THR A 92 -3.93 -6.49 10.28
N GLY A 93 -3.00 -5.69 9.77
CA GLY A 93 -3.06 -5.28 8.38
C GLY A 93 -3.62 -3.89 8.14
N THR A 94 -4.08 -3.24 9.20
CA THR A 94 -4.50 -1.85 9.08
C THR A 94 -3.31 -0.97 8.69
N ASP A 95 -3.50 -0.12 7.69
CA ASP A 95 -2.52 0.92 7.42
C ASP A 95 -2.74 2.06 8.42
N PHE A 96 -2.05 2.00 9.56
CA PHE A 96 -2.38 2.94 10.61
C PHE A 96 -1.87 4.34 10.29
N GLU A 97 -0.79 4.43 9.54
CA GLU A 97 -0.24 5.73 9.16
C GLU A 97 -1.25 6.47 8.29
N TYR A 98 -1.93 5.74 7.41
CA TYR A 98 -2.97 6.35 6.58
C TYR A 98 -4.17 6.76 7.45
N GLU A 99 -4.52 5.92 8.42
CA GLU A 99 -5.60 6.29 9.35
C GLU A 99 -5.26 7.59 10.08
N LEU A 100 -4.02 7.71 10.57
CA LEU A 100 -3.60 8.94 11.23
C LEU A 100 -3.68 10.14 10.30
N GLN A 101 -3.27 9.98 9.05
CA GLN A 101 -3.34 11.10 8.11
C GLN A 101 -4.79 11.55 7.89
N MET A 102 -5.68 10.59 7.65
CA MET A 102 -7.09 10.91 7.53
C MET A 102 -7.66 11.54 8.81
N ALA A 103 -7.25 11.04 9.98
CA ALA A 103 -7.79 11.60 11.20
C ALA A 103 -7.36 13.06 11.37
N GLN A 104 -6.10 13.35 11.07
CA GLN A 104 -5.60 14.72 11.19
C GLN A 104 -6.28 15.62 10.16
N MET A 105 -6.44 15.13 8.93
CA MET A 105 -7.16 15.89 7.91
C MET A 105 -8.62 16.17 8.29
N ASN A 106 -9.33 15.15 8.77
CA ASN A 106 -10.73 15.33 9.17
C ASN A 106 -10.90 16.29 10.34
N LYS A 107 -9.94 16.27 11.27
CA LYS A 107 -9.95 17.22 12.37
C LYS A 107 -9.71 18.65 11.86
N HIS A 108 -8.73 18.79 10.97
CA HIS A 108 -8.40 20.08 10.39
C HIS A 108 -9.55 20.71 9.61
N ILE A 109 -10.21 19.92 8.76
CA ILE A 109 -11.21 20.53 7.87
C ILE A 109 -12.59 20.71 8.51
N ALA A 110 -12.87 20.01 9.60
CA ALA A 110 -14.24 20.07 10.14
C ALA A 110 -14.34 19.92 11.65
N GLY A 111 -13.20 19.84 12.33
CA GLY A 111 -13.20 19.73 13.78
C GLY A 111 -13.68 18.40 14.32
N VAL A 112 -13.76 17.39 13.46
CA VAL A 112 -14.27 16.08 13.84
C VAL A 112 -13.13 15.24 14.44
N ASP A 113 -13.40 14.62 15.58
CA ASP A 113 -12.44 13.74 16.25
C ASP A 113 -12.53 12.31 15.76
N THR A 114 -11.42 11.59 15.78
CA THR A 114 -11.43 10.17 15.45
C THR A 114 -10.90 9.35 16.63
N PHE A 115 -11.69 8.36 17.05
CA PHE A 115 -11.26 7.44 18.10
C PHE A 115 -11.03 6.07 17.51
N PHE A 116 -9.85 5.49 17.80
CA PHE A 116 -9.50 4.18 17.29
C PHE A 116 -9.66 3.12 18.38
N VAL A 117 -10.15 1.94 18.00
CA VAL A 117 -10.27 0.86 18.95
C VAL A 117 -9.74 -0.43 18.34
N ALA A 118 -8.99 -1.20 19.12
CA ALA A 118 -8.41 -2.46 18.62
C ALA A 118 -9.48 -3.54 18.58
N THR A 119 -9.67 -4.14 17.41
CA THR A 119 -10.61 -5.23 17.27
C THR A 119 -10.16 -6.41 18.12
N ALA A 120 -11.12 -7.21 18.57
CA ALA A 120 -10.81 -8.38 19.37
C ALA A 120 -9.89 -9.33 18.60
N PRO A 121 -8.96 -9.99 19.31
CA PRO A 121 -8.01 -10.90 18.65
C PRO A 121 -8.63 -11.88 17.65
N ALA A 122 -9.74 -12.52 18.03
CA ALA A 122 -10.40 -13.52 17.17
C ALA A 122 -10.78 -12.96 15.79
N TYR A 123 -11.04 -11.65 15.74
CA TYR A 123 -11.56 -11.01 14.54
C TYR A 123 -10.55 -10.01 13.98
N SER A 124 -9.30 -10.14 14.42
CA SER A 124 -8.27 -9.18 14.07
C SER A 124 -7.57 -9.43 12.73
N PHE A 125 -7.86 -10.55 12.05
CA PHE A 125 -7.18 -10.75 10.77
C PHE A 125 -8.13 -10.88 9.58
N VAL A 126 -9.42 -10.69 9.82
CA VAL A 126 -10.37 -10.69 8.72
C VAL A 126 -10.49 -9.27 8.18
N SER A 127 -10.52 -9.14 6.87
CA SER A 127 -10.92 -7.90 6.21
C SER A 127 -11.89 -8.27 5.12
N SER A 128 -12.65 -7.30 4.63
CA SER A 128 -13.58 -7.58 3.54
C SER A 128 -12.89 -8.16 2.32
N SER A 129 -11.82 -7.49 1.88
CA SER A 129 -11.14 -7.95 0.69
C SER A 129 -10.48 -9.33 0.89
N LEU A 130 -9.87 -9.59 2.03
CA LEU A 130 -9.19 -10.88 2.19
C LEU A 130 -10.21 -12.00 2.34
N ALA A 131 -11.35 -11.70 2.98
CA ALA A 131 -12.42 -12.68 3.09
C ALA A 131 -12.96 -13.01 1.71
N LYS A 132 -13.15 -11.98 0.89
CA LYS A 132 -13.63 -12.20 -0.46
C LYS A 132 -12.62 -13.03 -1.26
N GLU A 133 -11.33 -12.75 -1.08
CA GLU A 133 -10.30 -13.49 -1.81
C GLU A 133 -10.22 -14.97 -1.40
N VAL A 134 -10.22 -15.23 -0.10
CA VAL A 134 -10.18 -16.61 0.39
C VAL A 134 -11.42 -17.40 -0.06
N ALA A 135 -12.59 -16.79 0.06
CA ALA A 135 -13.85 -17.44 -0.33
C ALA A 135 -13.86 -17.74 -1.83
N THR A 136 -13.28 -16.85 -2.62
CA THR A 136 -13.22 -17.04 -4.07
C THR A 136 -12.54 -18.35 -4.44
N TYR A 137 -11.54 -18.72 -3.65
CA TYR A 137 -10.75 -19.91 -3.91
C TYR A 137 -11.17 -21.06 -3.01
N GLY A 138 -12.35 -20.94 -2.42
CA GLY A 138 -12.95 -22.02 -1.66
C GLY A 138 -12.55 -22.18 -0.21
N GLY A 139 -11.81 -21.22 0.34
CA GLY A 139 -11.48 -21.29 1.75
C GLY A 139 -12.66 -20.99 2.66
N ASP A 140 -12.62 -21.55 3.88
CA ASP A 140 -13.72 -21.42 4.84
C ASP A 140 -13.58 -20.17 5.72
N VAL A 141 -14.39 -19.14 5.43
CA VAL A 141 -14.33 -17.89 6.19
C VAL A 141 -15.58 -17.69 7.04
N SER A 142 -16.35 -18.77 7.20
CA SER A 142 -17.63 -18.73 7.90
C SER A 142 -17.51 -18.24 9.34
N ALA A 143 -16.37 -18.47 9.98
CA ALA A 143 -16.21 -18.06 11.38
C ALA A 143 -15.82 -16.59 11.51
N LEU A 144 -15.60 -15.90 10.39
CA LEU A 144 -15.10 -14.53 10.43
C LEU A 144 -16.13 -13.51 9.96
N LEU A 145 -17.26 -14.01 9.49
CA LEU A 145 -18.32 -13.17 8.99
C LEU A 145 -19.61 -13.46 9.74
N PRO A 146 -20.47 -12.43 9.88
CA PRO A 146 -21.79 -12.73 10.47
C PRO A 146 -22.60 -13.65 9.56
N ALA A 147 -23.58 -14.33 10.13
CA ALA A 147 -24.44 -15.25 9.38
C ALA A 147 -25.19 -14.51 8.29
N SER A 148 -25.44 -13.22 8.51
CA SER A 148 -26.16 -12.42 7.52
C SER A 148 -25.38 -12.29 6.20
N VAL A 149 -24.10 -12.66 6.24
CA VAL A 149 -23.18 -12.42 5.12
C VAL A 149 -22.75 -13.68 4.38
N HIS A 150 -22.46 -14.74 5.12
CA HIS A 150 -21.64 -15.83 4.57
C HIS A 150 -22.26 -16.48 3.33
N GLN A 151 -23.51 -16.90 3.43
CA GLN A 151 -24.11 -17.58 2.28
C GLN A 151 -24.44 -16.60 1.15
N ARG A 152 -24.72 -15.33 1.48
CA ARG A 152 -24.86 -14.30 0.44
C ARG A 152 -23.57 -14.12 -0.34
N LEU A 153 -22.44 -14.15 0.39
CA LEU A 153 -21.15 -14.09 -0.25
C LEU A 153 -20.95 -15.30 -1.18
N LEU A 154 -21.28 -16.48 -0.68
CA LEU A 154 -21.11 -17.69 -1.49
C LEU A 154 -21.97 -17.60 -2.75
N GLY A 155 -23.16 -17.00 -2.61
CA GLY A 155 -24.05 -16.78 -3.73
C GLY A 155 -23.49 -15.85 -4.80
N LYS A 156 -22.85 -14.76 -4.38
CA LYS A 156 -22.25 -13.84 -5.33
C LYS A 156 -21.14 -14.52 -6.11
N LEU A 157 -20.34 -15.33 -5.42
CA LEU A 157 -19.18 -15.92 -6.03
C LEU A 157 -19.57 -17.00 -7.04
N ARG A 158 -20.58 -17.78 -6.70
CA ARG A 158 -21.00 -18.88 -7.56
C ARG A 158 -21.83 -18.38 -8.73
N GLY A 159 -22.22 -17.12 -8.69
CA GLY A 159 -22.86 -16.48 -9.83
C GLY A 159 -21.83 -15.84 -10.73
N GLN A 160 -20.58 -16.28 -10.60
CA GLN A 160 -19.43 -15.71 -11.32
C GLN A 160 -19.29 -14.22 -11.04
N MET B 2 9.74 -36.72 8.55
CA MET B 2 10.25 -35.87 7.47
C MET B 2 9.53 -34.52 7.45
N THR B 3 10.30 -33.44 7.48
CA THR B 3 9.76 -32.08 7.59
C THR B 3 9.72 -31.39 6.23
N GLY B 4 9.03 -30.27 6.13
CA GLY B 4 8.97 -29.57 4.86
C GLY B 4 8.29 -28.23 4.89
N ALA B 5 8.60 -27.38 3.91
CA ALA B 5 7.92 -26.09 3.83
C ALA B 5 7.72 -25.70 2.39
N VAL B 6 6.73 -24.82 2.17
CA VAL B 6 6.50 -24.24 0.87
C VAL B 6 6.95 -22.77 0.86
N CYS B 7 7.70 -22.39 -0.17
CA CYS B 7 8.07 -20.99 -0.41
C CYS B 7 7.28 -20.43 -1.58
N PRO B 8 6.19 -19.72 -1.29
CA PRO B 8 5.28 -19.23 -2.33
C PRO B 8 5.63 -17.85 -2.83
N GLY B 9 5.27 -17.55 -4.08
CA GLY B 9 5.39 -16.20 -4.60
C GLY B 9 5.10 -16.15 -6.08
N SER B 10 5.13 -14.94 -6.64
CA SER B 10 4.94 -14.78 -8.07
C SER B 10 6.27 -14.87 -8.79
N PHE B 11 7.36 -14.51 -8.11
CA PHE B 11 8.72 -14.62 -8.64
C PHE B 11 8.84 -14.16 -10.11
N ASP B 12 8.59 -12.88 -10.33
CA ASP B 12 8.53 -12.32 -11.69
C ASP B 12 9.49 -11.14 -11.90
N PRO B 13 10.81 -11.38 -11.86
CA PRO B 13 11.48 -12.68 -11.73
C PRO B 13 12.00 -12.94 -10.31
N VAL B 14 12.46 -14.17 -10.08
CA VAL B 14 13.20 -14.49 -8.86
C VAL B 14 14.40 -13.56 -8.69
N THR B 15 14.65 -13.17 -7.45
CA THR B 15 15.78 -12.32 -7.11
C THR B 15 16.72 -13.03 -6.15
N LEU B 16 17.86 -12.43 -5.88
CA LEU B 16 18.80 -13.05 -4.95
C LEU B 16 18.24 -12.98 -3.53
N GLY B 17 17.31 -12.05 -3.29
CA GLY B 17 16.60 -12.01 -2.01
C GLY B 17 15.75 -13.26 -1.85
N HIS B 18 15.01 -13.64 -2.90
CA HIS B 18 14.25 -14.89 -2.90
C HIS B 18 15.19 -16.09 -2.71
N LEU B 19 16.27 -16.10 -3.49
CA LEU B 19 17.20 -17.23 -3.45
C LEU B 19 17.78 -17.42 -2.04
N ASP B 20 18.11 -16.31 -1.37
CA ASP B 20 18.61 -16.38 0.01
C ASP B 20 17.58 -17.12 0.87
N VAL B 21 16.31 -16.74 0.77
CA VAL B 21 15.24 -17.42 1.52
C VAL B 21 15.14 -18.92 1.17
N PHE B 22 15.16 -19.23 -0.13
CA PHE B 22 15.12 -20.62 -0.56
C PHE B 22 16.23 -21.43 0.10
N GLU B 23 17.43 -20.85 0.13
CA GLU B 23 18.59 -21.57 0.65
C GLU B 23 18.43 -21.84 2.15
N ARG B 24 17.89 -20.86 2.86
CA ARG B 24 17.72 -21.04 4.28
C ARG B 24 16.64 -22.06 4.57
N ALA B 25 15.57 -22.04 3.79
CA ALA B 25 14.53 -23.05 3.95
C ALA B 25 15.11 -24.44 3.62
N ALA B 26 15.92 -24.53 2.58
CA ALA B 26 16.44 -25.84 2.17
C ALA B 26 17.46 -26.38 3.19
N ALA B 27 18.09 -25.46 3.91
CA ALA B 27 19.06 -25.87 4.94
C ALA B 27 18.38 -26.36 6.22
N GLN B 28 17.11 -26.00 6.43
CA GLN B 28 16.45 -26.25 7.71
C GLN B 28 15.24 -27.20 7.65
N PHE B 29 14.77 -27.50 6.43
CA PHE B 29 13.67 -28.45 6.26
C PHE B 29 14.10 -29.58 5.33
N ASP B 30 13.53 -30.76 5.52
CA ASP B 30 13.94 -31.90 4.70
C ASP B 30 13.55 -31.72 3.23
N GLU B 31 12.41 -31.08 3.03
CA GLU B 31 11.82 -30.88 1.71
C GLU B 31 11.35 -29.44 1.55
N VAL B 32 11.72 -28.78 0.46
CA VAL B 32 11.17 -27.44 0.17
C VAL B 32 10.53 -27.46 -1.20
N ILE B 33 9.36 -26.86 -1.31
CA ILE B 33 8.69 -26.67 -2.59
C ILE B 33 8.51 -25.18 -2.84
N VAL B 34 9.10 -24.70 -3.92
CA VAL B 34 8.85 -23.33 -4.33
C VAL B 34 7.58 -23.33 -5.16
N ALA B 35 6.57 -22.56 -4.72
CA ALA B 35 5.29 -22.53 -5.41
C ALA B 35 5.13 -21.25 -6.20
N VAL B 36 5.12 -21.38 -7.52
CA VAL B 36 4.96 -20.24 -8.38
C VAL B 36 3.48 -20.03 -8.63
N LEU B 37 2.94 -18.96 -8.04
CA LEU B 37 1.51 -18.69 -8.08
C LEU B 37 1.24 -17.37 -8.80
N ILE B 38 0.54 -17.43 -9.93
CA ILE B 38 0.23 -16.23 -10.72
C ILE B 38 -1.00 -15.49 -10.23
N ASN B 39 -0.88 -14.17 -10.09
CA ASN B 39 -2.04 -13.31 -9.92
C ASN B 39 -2.84 -13.30 -11.23
N PRO B 40 -4.06 -13.87 -11.20
CA PRO B 40 -4.85 -14.20 -12.41
C PRO B 40 -5.15 -13.01 -13.33
N ASN B 41 -5.06 -11.79 -12.81
CA ASN B 41 -5.33 -10.61 -13.63
C ASN B 41 -4.14 -9.67 -13.70
N LYS B 42 -2.97 -10.18 -14.07
CA LYS B 42 -1.77 -9.36 -14.14
C LYS B 42 -0.75 -9.84 -15.18
N ALA B 43 -0.76 -11.15 -15.47
CA ALA B 43 0.13 -11.77 -16.47
C ALA B 43 1.63 -11.60 -16.15
N GLY B 44 2.07 -10.35 -16.00
CA GLY B 44 3.44 -10.06 -15.64
C GLY B 44 4.41 -10.06 -16.81
N MET B 45 5.70 -10.00 -16.51
CA MET B 45 6.73 -9.96 -17.53
C MET B 45 7.08 -11.35 -18.07
N PHE B 46 7.24 -12.30 -17.14
CA PHE B 46 7.64 -13.64 -17.53
C PHE B 46 6.48 -14.61 -17.42
N THR B 47 6.45 -15.60 -18.32
CA THR B 47 5.44 -16.64 -18.22
C THR B 47 5.76 -17.55 -17.04
N VAL B 48 4.78 -18.34 -16.61
CA VAL B 48 4.98 -19.27 -15.50
C VAL B 48 6.14 -20.21 -15.80
N ASP B 49 6.18 -20.72 -17.03
CA ASP B 49 7.26 -21.61 -17.43
C ASP B 49 8.62 -20.91 -17.35
N GLU B 50 8.70 -19.67 -17.81
CA GLU B 50 9.95 -18.94 -17.75
C GLU B 50 10.39 -18.70 -16.29
N ARG B 51 9.41 -18.42 -15.43
CA ARG B 51 9.69 -18.19 -13.99
C ARG B 51 10.24 -19.45 -13.33
N ILE B 52 9.60 -20.58 -13.61
CA ILE B 52 10.04 -21.86 -13.09
C ILE B 52 11.46 -22.19 -13.57
N GLU B 53 11.71 -21.95 -14.85
CA GLU B 53 13.04 -22.24 -15.40
C GLU B 53 14.11 -21.40 -14.71
N MET B 54 13.83 -20.12 -14.46
CA MET B 54 14.80 -19.26 -13.83
C MET B 54 15.05 -19.68 -12.37
N ILE B 55 14.00 -20.11 -11.68
CA ILE B 55 14.20 -20.59 -10.30
C ILE B 55 15.01 -21.88 -10.32
N ARG B 56 14.69 -22.80 -11.22
CA ARG B 56 15.42 -24.08 -11.28
C ARG B 56 16.90 -23.87 -11.55
N GLU B 57 17.22 -22.96 -12.46
CA GLU B 57 18.62 -22.69 -12.75
C GLU B 57 19.31 -22.10 -11.51
N SER B 58 18.61 -21.25 -10.77
CA SER B 58 19.19 -20.61 -9.58
C SER B 58 19.33 -21.54 -8.38
N THR B 59 18.53 -22.58 -8.30
CA THR B 59 18.53 -23.48 -7.15
C THR B 59 19.13 -24.85 -7.49
N ALA B 60 19.98 -24.88 -8.51
CA ALA B 60 20.57 -26.14 -8.97
C ALA B 60 21.35 -26.90 -7.90
N ASP B 61 21.92 -26.22 -6.90
CA ASP B 61 22.71 -26.86 -5.83
CA ASP B 61 22.68 -26.97 -5.89
C ASP B 61 21.85 -27.29 -4.64
N LEU B 62 20.54 -27.17 -4.75
CA LEU B 62 19.63 -27.50 -3.64
C LEU B 62 18.80 -28.72 -3.97
N PRO B 63 19.32 -29.90 -3.65
CA PRO B 63 18.66 -31.11 -4.14
C PRO B 63 17.33 -31.40 -3.47
N ASN B 64 17.10 -30.87 -2.27
CA ASN B 64 15.85 -31.12 -1.58
C ASN B 64 14.80 -30.04 -1.84
N LEU B 65 15.06 -29.17 -2.82
CA LEU B 65 14.11 -28.16 -3.23
C LEU B 65 13.61 -28.45 -4.65
N ARG B 66 12.30 -28.34 -4.84
CA ARG B 66 11.74 -28.42 -6.19
C ARG B 66 10.81 -27.25 -6.44
N VAL B 67 10.53 -27.01 -7.73
CA VAL B 67 9.74 -25.85 -8.16
C VAL B 67 8.48 -26.33 -8.87
N GLU B 68 7.35 -25.73 -8.57
CA GLU B 68 6.08 -26.18 -9.12
C GLU B 68 5.14 -24.98 -9.25
N SER B 69 4.36 -24.92 -10.33
CA SER B 69 3.35 -23.89 -10.42
C SER B 69 2.13 -24.30 -9.62
N GLY B 70 1.35 -23.31 -9.18
CA GLY B 70 0.14 -23.61 -8.46
C GLY B 70 -0.89 -22.55 -8.81
N GLN B 71 -2.14 -22.86 -8.53
CA GLN B 71 -3.20 -21.88 -8.65
C GLN B 71 -4.18 -22.17 -7.53
N GLY B 72 -5.03 -21.22 -7.19
CA GLY B 72 -5.96 -21.43 -6.11
C GLY B 72 -5.39 -21.04 -4.77
N LEU B 73 -6.01 -21.55 -3.71
CA LEU B 73 -5.62 -21.25 -2.34
C LEU B 73 -4.23 -21.78 -2.04
N LEU B 74 -3.37 -20.93 -1.50
CA LEU B 74 -2.04 -21.37 -1.10
C LEU B 74 -2.09 -22.54 -0.10
N VAL B 75 -2.96 -22.47 0.90
CA VAL B 75 -2.97 -23.52 1.93
C VAL B 75 -3.41 -24.86 1.35
N ASP B 76 -4.19 -24.84 0.27
CA ASP B 76 -4.54 -26.08 -0.40
C ASP B 76 -3.31 -26.66 -1.09
N PHE B 77 -2.54 -25.82 -1.76
CA PHE B 77 -1.28 -26.26 -2.38
C PHE B 77 -0.39 -26.94 -1.34
N VAL B 78 -0.26 -26.31 -0.18
CA VAL B 78 0.58 -26.83 0.88
C VAL B 78 0.07 -28.18 1.40
N ARG B 79 -1.20 -28.22 1.78
CA ARG B 79 -1.75 -29.42 2.42
C ARG B 79 -1.83 -30.60 1.44
N GLU B 80 -2.09 -30.31 0.18
CA GLU B 80 -2.16 -31.35 -0.85
C GLU B 80 -0.81 -32.04 -1.03
N ARG B 81 0.26 -31.36 -0.64
CA ARG B 81 1.58 -31.97 -0.76
C ARG B 81 2.09 -32.55 0.56
N GLY B 82 1.18 -32.68 1.52
CA GLY B 82 1.46 -33.32 2.79
C GLY B 82 2.20 -32.46 3.77
N LEU B 83 2.25 -31.16 3.51
CA LEU B 83 3.03 -30.25 4.36
C LEU B 83 2.06 -29.32 5.11
N ASN B 84 2.56 -28.56 6.07
CA ASN B 84 1.73 -27.51 6.65
C ASN B 84 2.56 -26.38 7.23
N ALA B 85 3.60 -26.02 6.48
CA ALA B 85 4.43 -24.87 6.78
C ALA B 85 4.70 -24.06 5.52
N ILE B 86 4.70 -22.74 5.70
CA ILE B 86 5.07 -21.77 4.70
C ILE B 86 6.29 -21.02 5.18
N VAL B 87 7.25 -20.74 4.29
CA VAL B 87 8.37 -19.89 4.66
C VAL B 87 8.36 -18.65 3.78
N LYS B 88 8.33 -17.48 4.41
CA LYS B 88 8.32 -16.20 3.68
C LYS B 88 9.51 -15.33 4.05
N GLY B 89 10.06 -14.61 3.08
CA GLY B 89 11.17 -13.73 3.34
C GLY B 89 10.73 -12.33 3.77
N LEU B 90 11.58 -11.67 4.55
CA LEU B 90 11.34 -10.28 4.94
C LEU B 90 12.46 -9.41 4.36
N ARG B 91 12.09 -8.32 3.70
CA ARG B 91 13.08 -7.43 3.12
C ARG B 91 12.70 -5.99 3.44
N THR B 92 13.54 -5.05 3.03
CA THR B 92 13.19 -3.63 3.12
C THR B 92 12.07 -3.34 2.12
N GLY B 93 10.92 -2.88 2.61
CA GLY B 93 9.77 -2.61 1.75
C GLY B 93 8.70 -3.67 1.88
N THR B 94 8.98 -4.74 2.62
CA THR B 94 7.98 -5.76 2.86
C THR B 94 6.80 -5.15 3.64
N ASP B 95 5.59 -5.41 3.19
CA ASP B 95 4.42 -5.01 3.96
C ASP B 95 4.20 -6.06 5.04
N PHE B 96 4.81 -5.87 6.20
CA PHE B 96 4.82 -6.92 7.19
C PHE B 96 3.46 -7.11 7.84
N GLU B 97 2.73 -6.00 7.98
CA GLU B 97 1.38 -6.04 8.53
C GLU B 97 0.49 -6.94 7.66
N TYR B 98 0.63 -6.83 6.35
CA TYR B 98 -0.13 -7.71 5.47
C TYR B 98 0.34 -9.16 5.54
N GLU B 99 1.66 -9.38 5.63
CA GLU B 99 2.17 -10.74 5.86
C GLU B 99 1.57 -11.35 7.13
N LEU B 100 1.53 -10.57 8.21
CA LEU B 100 0.96 -11.10 9.45
C LEU B 100 -0.52 -11.44 9.25
N GLN B 101 -1.26 -10.57 8.55
CA GLN B 101 -2.66 -10.84 8.31
C GLN B 101 -2.85 -12.15 7.53
N MET B 102 -2.09 -12.32 6.45
CA MET B 102 -2.20 -13.57 5.70
C MET B 102 -1.77 -14.79 6.54
N ALA B 103 -0.74 -14.62 7.36
CA ALA B 103 -0.28 -15.74 8.18
C ALA B 103 -1.37 -16.16 9.15
N GLN B 104 -2.00 -15.19 9.80
CA GLN B 104 -3.09 -15.52 10.72
C GLN B 104 -4.27 -16.16 9.98
N MET B 105 -4.60 -15.64 8.81
CA MET B 105 -5.69 -16.20 8.00
C MET B 105 -5.39 -17.65 7.57
N ASN B 106 -4.17 -17.85 7.11
CA ASN B 106 -3.77 -19.20 6.64
C ASN B 106 -3.75 -20.22 7.77
N LYS B 107 -3.34 -19.80 8.97
CA LYS B 107 -3.38 -20.69 10.13
C LYS B 107 -4.83 -20.99 10.51
N HIS B 108 -5.68 -19.96 10.47
CA HIS B 108 -7.07 -20.14 10.84
C HIS B 108 -7.81 -21.10 9.88
N ILE B 109 -7.64 -20.90 8.58
CA ILE B 109 -8.47 -21.67 7.64
C ILE B 109 -7.94 -23.07 7.38
N ALA B 110 -6.67 -23.34 7.66
CA ALA B 110 -6.11 -24.64 7.31
C ALA B 110 -5.08 -25.21 8.30
N GLY B 111 -4.79 -24.48 9.37
CA GLY B 111 -3.82 -24.95 10.35
C GLY B 111 -2.38 -24.89 9.89
N VAL B 112 -2.13 -24.13 8.82
CA VAL B 112 -0.80 -24.05 8.22
C VAL B 112 0.00 -22.94 8.92
N ASP B 113 1.23 -23.25 9.34
CA ASP B 113 2.10 -22.28 10.01
C ASP B 113 2.89 -21.46 9.01
N THR B 114 3.21 -20.21 9.35
CA THR B 114 4.12 -19.43 8.52
C THR B 114 5.34 -18.99 9.33
N PHE B 115 6.54 -19.28 8.80
CA PHE B 115 7.80 -18.82 9.38
C PHE B 115 8.40 -17.75 8.49
N PHE B 116 8.78 -16.65 9.10
CA PHE B 116 9.41 -15.53 8.38
C PHE B 116 10.90 -15.52 8.63
N VAL B 117 11.68 -15.24 7.61
CA VAL B 117 13.13 -15.12 7.79
C VAL B 117 13.59 -13.86 7.08
N ALA B 118 14.48 -13.11 7.73
CA ALA B 118 15.00 -11.87 7.15
C ALA B 118 16.08 -12.17 6.11
N THR B 119 15.93 -11.59 4.93
CA THR B 119 16.92 -11.74 3.88
C THR B 119 18.21 -11.05 4.28
N ALA B 120 19.32 -11.55 3.76
CA ALA B 120 20.62 -10.93 3.98
C ALA B 120 20.61 -9.45 3.59
N PRO B 121 21.34 -8.63 4.36
CA PRO B 121 21.46 -7.18 4.11
C PRO B 121 21.78 -6.84 2.64
N ALA B 122 22.73 -7.55 2.04
CA ALA B 122 23.08 -7.30 0.64
C ALA B 122 21.89 -7.44 -0.32
N TYR B 123 20.94 -8.30 0.02
CA TYR B 123 19.81 -8.58 -0.88
C TYR B 123 18.49 -8.04 -0.32
N SER B 124 18.58 -7.16 0.66
CA SER B 124 17.40 -6.69 1.39
C SER B 124 16.60 -5.60 0.69
N PHE B 125 17.16 -4.97 -0.34
CA PHE B 125 16.44 -3.88 -1.01
C PHE B 125 16.05 -4.18 -2.46
N VAL B 126 16.30 -5.40 -2.93
CA VAL B 126 15.83 -5.78 -4.26
C VAL B 126 14.44 -6.36 -4.13
N SER B 127 13.58 -6.03 -5.09
CA SER B 127 12.30 -6.71 -5.21
C SER B 127 12.09 -6.92 -6.69
N SER B 128 11.20 -7.83 -7.06
CA SER B 128 10.95 -8.09 -8.48
C SER B 128 10.55 -6.81 -9.22
N SER B 129 9.62 -6.05 -8.64
CA SER B 129 9.11 -4.87 -9.32
C SER B 129 10.15 -3.78 -9.47
N LEU B 130 10.90 -3.54 -8.40
CA LEU B 130 11.87 -2.45 -8.42
C LEU B 130 13.05 -2.80 -9.33
N ALA B 131 13.43 -4.08 -9.38
CA ALA B 131 14.49 -4.53 -10.27
C ALA B 131 14.09 -4.28 -11.73
N LYS B 132 12.86 -4.66 -12.07
CA LYS B 132 12.35 -4.45 -13.43
C LYS B 132 12.28 -2.97 -13.79
N GLU B 133 11.82 -2.14 -12.85
CA GLU B 133 11.74 -0.70 -13.06
C GLU B 133 13.12 -0.08 -13.27
N VAL B 134 14.08 -0.46 -12.43
CA VAL B 134 15.43 0.08 -12.59
C VAL B 134 16.02 -0.37 -13.93
N ALA B 135 15.83 -1.65 -14.25
CA ALA B 135 16.37 -2.22 -15.49
C ALA B 135 15.76 -1.57 -16.73
N THR B 136 14.46 -1.29 -16.67
CA THR B 136 13.73 -0.65 -17.76
C THR B 136 14.35 0.70 -18.13
N TYR B 137 14.86 1.41 -17.14
CA TYR B 137 15.42 2.73 -17.36
C TYR B 137 16.94 2.72 -17.51
N GLY B 138 17.51 1.55 -17.76
CA GLY B 138 18.93 1.42 -18.03
C GLY B 138 19.86 1.29 -16.83
N GLY B 139 19.30 1.03 -15.65
CA GLY B 139 20.11 0.85 -14.47
C GLY B 139 20.59 -0.59 -14.34
N ASP B 140 21.76 -0.77 -13.71
CA ASP B 140 22.40 -2.09 -13.60
C ASP B 140 22.00 -2.79 -12.30
N VAL B 141 21.17 -3.83 -12.43
CA VAL B 141 20.74 -4.60 -11.26
C VAL B 141 21.32 -6.00 -11.27
N SER B 142 22.44 -6.17 -11.98
CA SER B 142 23.04 -7.50 -12.12
C SER B 142 23.54 -8.09 -10.80
N ALA B 143 23.90 -7.25 -9.84
CA ALA B 143 24.41 -7.76 -8.56
C ALA B 143 23.28 -8.23 -7.65
N LEU B 144 22.03 -8.00 -8.06
CA LEU B 144 20.87 -8.26 -7.21
C LEU B 144 20.03 -9.42 -7.74
N LEU B 145 20.42 -9.94 -8.91
CA LEU B 145 19.71 -11.02 -9.56
C LEU B 145 20.65 -12.16 -9.89
N PRO B 146 20.13 -13.40 -9.93
CA PRO B 146 20.93 -14.51 -10.45
C PRO B 146 21.35 -14.24 -11.88
N ALA B 147 22.45 -14.83 -12.32
CA ALA B 147 23.04 -14.55 -13.63
C ALA B 147 22.05 -14.83 -14.76
N SER B 148 21.38 -15.96 -14.67
CA SER B 148 20.42 -16.41 -15.68
C SER B 148 19.27 -15.42 -15.82
N VAL B 149 18.81 -14.89 -14.68
CA VAL B 149 17.72 -13.92 -14.69
C VAL B 149 18.08 -12.64 -15.42
N HIS B 150 19.24 -12.07 -15.07
CA HIS B 150 19.65 -10.77 -15.60
C HIS B 150 19.73 -10.78 -17.13
N GLN B 151 20.19 -11.89 -17.69
CA GLN B 151 20.27 -12.02 -19.14
C GLN B 151 18.88 -12.07 -19.76
N ARG B 152 18.02 -12.91 -19.21
CA ARG B 152 16.63 -13.01 -19.66
C ARG B 152 15.90 -11.69 -19.51
N LEU B 153 16.24 -10.93 -18.46
CA LEU B 153 15.60 -9.65 -18.20
C LEU B 153 15.92 -8.64 -19.30
N LEU B 154 17.20 -8.47 -19.60
CA LEU B 154 17.62 -7.59 -20.68
C LEU B 154 16.96 -7.98 -22.01
N GLY B 155 16.76 -9.28 -22.21
CA GLY B 155 16.10 -9.79 -23.40
C GLY B 155 14.65 -9.35 -23.54
N LYS B 156 13.87 -9.43 -22.47
CA LYS B 156 12.48 -9.03 -22.51
C LYS B 156 12.35 -7.52 -22.72
N LEU B 157 13.40 -6.78 -22.35
CA LEU B 157 13.39 -5.33 -22.48
C LEU B 157 13.85 -4.88 -23.87
N ARG B 158 14.74 -5.65 -24.49
CA ARG B 158 15.21 -5.37 -25.83
C ARG B 158 14.36 -6.11 -26.86
N MET C 2 30.28 24.08 -3.01
CA MET C 2 29.68 23.54 -4.23
C MET C 2 28.70 22.41 -3.94
N THR C 3 28.06 22.44 -2.77
CA THR C 3 27.13 21.39 -2.38
C THR C 3 25.78 21.53 -3.10
N GLY C 4 25.02 20.43 -3.13
CA GLY C 4 23.76 20.44 -3.86
C GLY C 4 22.92 19.20 -3.67
N ALA C 5 21.60 19.38 -3.74
CA ALA C 5 20.68 18.26 -3.59
C ALA C 5 19.50 18.36 -4.56
N VAL C 6 18.92 17.21 -4.89
CA VAL C 6 17.72 17.13 -5.72
C VAL C 6 16.51 16.75 -4.87
N CYS C 7 15.42 17.49 -5.02
CA CYS C 7 14.14 17.16 -4.39
C CYS C 7 13.16 16.64 -5.44
N PRO C 8 13.00 15.32 -5.53
CA PRO C 8 12.19 14.73 -6.59
C PRO C 8 10.76 14.45 -6.18
N GLY C 9 9.88 14.29 -7.15
CA GLY C 9 8.48 14.00 -6.87
C GLY C 9 7.59 14.21 -8.08
N SER C 10 6.35 13.78 -7.99
CA SER C 10 5.39 13.99 -9.06
C SER C 10 4.70 15.34 -8.90
N PHE C 11 4.59 15.80 -7.65
CA PHE C 11 4.05 17.12 -7.31
C PHE C 11 2.77 17.46 -8.09
N ASP C 12 1.71 16.69 -7.85
CA ASP C 12 0.47 16.83 -8.59
C ASP C 12 -0.75 17.08 -7.69
N PRO C 13 -0.84 18.27 -7.07
CA PRO C 13 0.10 19.39 -7.13
C PRO C 13 1.09 19.43 -5.97
N VAL C 14 2.06 20.34 -6.06
CA VAL C 14 2.91 20.68 -4.93
C VAL C 14 2.07 21.19 -3.73
N THR C 15 2.45 20.79 -2.52
CA THR C 15 1.75 21.19 -1.30
C THR C 15 2.70 22.01 -0.41
N LEU C 16 2.18 22.55 0.70
CA LEU C 16 3.03 23.27 1.65
C LEU C 16 3.98 22.32 2.37
N GLY C 17 3.61 21.04 2.41
CA GLY C 17 4.52 20.01 2.92
C GLY C 17 5.75 19.95 2.04
N HIS C 18 5.52 19.90 0.72
CA HIS C 18 6.62 19.90 -0.25
C HIS C 18 7.47 21.17 -0.13
N LEU C 19 6.80 22.32 -0.04
CA LEU C 19 7.49 23.60 0.01
C LEU C 19 8.39 23.70 1.22
N ASP C 20 7.94 23.14 2.34
CA ASP C 20 8.70 23.11 3.58
C ASP C 20 10.01 22.36 3.36
N VAL C 21 9.93 21.24 2.65
CA VAL C 21 11.13 20.44 2.35
C VAL C 21 12.08 21.22 1.43
N PHE C 22 11.52 21.82 0.39
CA PHE C 22 12.29 22.67 -0.53
C PHE C 22 13.07 23.73 0.24
N GLU C 23 12.40 24.40 1.17
CA GLU C 23 13.02 25.50 1.89
C GLU C 23 14.19 25.05 2.74
N ARG C 24 14.05 23.90 3.39
CA ARG C 24 15.12 23.39 4.25
C ARG C 24 16.30 22.90 3.42
N ALA C 25 16.00 22.25 2.31
CA ALA C 25 17.03 21.84 1.36
C ALA C 25 17.80 23.07 0.90
N ALA C 26 17.06 24.12 0.56
CA ALA C 26 17.68 25.36 0.07
C ALA C 26 18.48 26.09 1.15
N ALA C 27 18.08 25.90 2.41
CA ALA C 27 18.81 26.49 3.51
C ALA C 27 20.10 25.74 3.84
N GLN C 28 20.21 24.48 3.44
CA GLN C 28 21.34 23.65 3.89
C GLN C 28 22.27 23.22 2.77
N PHE C 29 21.86 23.42 1.52
CA PHE C 29 22.70 23.08 0.37
C PHE C 29 22.89 24.31 -0.49
N ASP C 30 24.07 24.45 -1.11
CA ASP C 30 24.33 25.62 -1.95
C ASP C 30 23.34 25.70 -3.11
N GLU C 31 22.99 24.54 -3.67
CA GLU C 31 22.19 24.46 -4.88
C GLU C 31 21.09 23.41 -4.76
N VAL C 32 19.85 23.77 -5.09
CA VAL C 32 18.75 22.80 -5.06
C VAL C 32 18.01 22.74 -6.39
N ILE C 33 17.74 21.53 -6.85
CA ILE C 33 16.94 21.31 -8.03
C ILE C 33 15.71 20.49 -7.68
N VAL C 34 14.54 21.03 -7.98
CA VAL C 34 13.31 20.25 -7.84
C VAL C 34 13.05 19.49 -9.12
N ALA C 35 13.06 18.16 -9.03
CA ALA C 35 12.85 17.32 -10.20
C ALA C 35 11.41 16.85 -10.27
N VAL C 36 10.70 17.31 -11.30
CA VAL C 36 9.35 16.83 -11.56
C VAL C 36 9.41 15.59 -12.42
N LEU C 37 9.14 14.44 -11.81
CA LEU C 37 9.23 13.15 -12.49
C LEU C 37 7.85 12.51 -12.58
N ILE C 38 7.24 12.60 -13.75
CA ILE C 38 5.86 12.10 -13.94
C ILE C 38 5.81 10.61 -14.18
N ASN C 39 4.95 9.92 -13.42
CA ASN C 39 4.68 8.51 -13.64
C ASN C 39 4.14 8.30 -15.05
N PRO C 40 4.79 7.41 -15.82
CA PRO C 40 4.45 7.22 -17.24
C PRO C 40 3.15 6.45 -17.47
N ASN C 41 2.72 5.68 -16.48
CA ASN C 41 1.55 4.82 -16.64
C ASN C 41 0.28 5.47 -16.10
N LYS C 42 0.41 6.62 -15.45
CA LYS C 42 -0.74 7.28 -14.84
C LYS C 42 -0.60 8.81 -14.84
N ALA C 43 -1.06 9.44 -15.90
CA ALA C 43 -1.11 10.90 -15.96
C ALA C 43 -2.02 11.40 -14.84
N GLY C 44 -1.75 12.62 -14.35
CA GLY C 44 -2.46 13.10 -13.18
C GLY C 44 -3.46 14.20 -13.49
N MET C 45 -3.59 15.13 -12.56
CA MET C 45 -4.50 16.25 -12.72
C MET C 45 -3.84 17.37 -13.50
N PHE C 46 -2.57 17.63 -13.21
CA PHE C 46 -1.88 18.73 -13.87
C PHE C 46 -0.87 18.22 -14.88
N THR C 47 -0.64 19.00 -15.94
CA THR C 47 0.40 18.68 -16.90
C THR C 47 1.75 18.97 -16.26
N VAL C 48 2.82 18.44 -16.84
CA VAL C 48 4.16 18.67 -16.33
C VAL C 48 4.46 20.16 -16.18
N ASP C 49 4.16 20.94 -17.22
CA ASP C 49 4.52 22.35 -17.19
C ASP C 49 3.58 23.13 -16.28
N GLU C 50 2.38 22.59 -16.05
CA GLU C 50 1.52 23.12 -15.01
C GLU C 50 2.15 22.90 -13.64
N ARG C 51 2.61 21.67 -13.41
CA ARG C 51 3.24 21.33 -12.14
C ARG C 51 4.48 22.19 -11.89
N ILE C 52 5.30 22.34 -12.93
CA ILE C 52 6.50 23.17 -12.85
C ILE C 52 6.19 24.63 -12.54
N GLU C 53 5.19 25.19 -13.22
CA GLU C 53 4.79 26.57 -13.00
C GLU C 53 4.35 26.79 -11.55
N MET C 54 3.58 25.86 -11.01
CA MET C 54 3.09 25.98 -9.64
C MET C 54 4.24 25.97 -8.62
N ILE C 55 5.24 25.15 -8.89
CA ILE C 55 6.40 25.08 -7.99
C ILE C 55 7.23 26.35 -8.10
N ARG C 56 7.45 26.81 -9.33
CA ARG C 56 8.25 28.02 -9.56
C ARG C 56 7.61 29.21 -8.87
N GLU C 57 6.29 29.33 -8.98
CA GLU C 57 5.54 30.40 -8.31
C GLU C 57 5.71 30.32 -6.78
N SER C 58 5.70 29.11 -6.23
CA SER C 58 5.81 28.92 -4.78
C SER C 58 7.21 29.14 -4.23
N THR C 59 8.22 29.02 -5.09
CA THR C 59 9.62 29.05 -4.65
C THR C 59 10.39 30.27 -5.13
N ALA C 60 9.66 31.35 -5.45
CA ALA C 60 10.30 32.56 -5.97
C ALA C 60 11.30 33.19 -5.00
N ASP C 61 11.10 32.97 -3.71
CA ASP C 61 11.99 33.55 -2.69
C ASP C 61 13.18 32.65 -2.38
N LEU C 62 13.37 31.61 -3.17
CA LEU C 62 14.54 30.75 -3.00
C LEU C 62 15.47 30.89 -4.20
N PRO C 63 16.46 31.78 -4.09
CA PRO C 63 17.36 32.11 -5.20
C PRO C 63 18.17 30.91 -5.70
N ASN C 64 18.55 30.01 -4.81
CA ASN C 64 19.42 28.89 -5.18
C ASN C 64 18.65 27.63 -5.54
N LEU C 65 17.37 27.79 -5.83
CA LEU C 65 16.50 26.68 -6.23
C LEU C 65 16.03 26.86 -7.67
N ARG C 66 16.04 25.77 -8.42
CA ARG C 66 15.44 25.77 -9.75
C ARG C 66 14.61 24.51 -9.95
N VAL C 67 13.77 24.53 -10.97
CA VAL C 67 12.79 23.47 -11.19
C VAL C 67 12.92 22.93 -12.60
N GLU C 68 13.08 21.62 -12.73
CA GLU C 68 13.20 20.97 -14.02
C GLU C 68 12.43 19.67 -14.05
N SER C 69 11.95 19.28 -15.23
CA SER C 69 11.30 17.99 -15.41
C SER C 69 12.31 16.93 -15.80
N GLY C 70 12.01 15.68 -15.51
CA GLY C 70 12.91 14.59 -15.84
C GLY C 70 12.16 13.35 -16.31
N GLN C 71 12.88 12.50 -17.02
CA GLN C 71 12.38 11.19 -17.41
C GLN C 71 13.47 10.16 -17.13
N GLY C 72 13.10 8.89 -17.00
CA GLY C 72 14.07 7.87 -16.69
C GLY C 72 14.50 7.86 -15.23
N LEU C 73 15.66 7.27 -14.95
CA LEU C 73 16.13 7.09 -13.58
C LEU C 73 16.38 8.41 -12.86
N LEU C 74 15.95 8.48 -11.60
CA LEU C 74 16.23 9.65 -10.78
C LEU C 74 17.73 9.83 -10.56
N VAL C 75 18.46 8.73 -10.38
CA VAL C 75 19.90 8.83 -10.14
C VAL C 75 20.63 9.43 -11.35
N ASP C 76 20.10 9.19 -12.54
CA ASP C 76 20.69 9.80 -13.74
C ASP C 76 20.43 11.30 -13.76
N PHE C 77 19.21 11.71 -13.39
CA PHE C 77 18.89 13.12 -13.25
C PHE C 77 19.85 13.83 -12.30
N VAL C 78 20.10 13.19 -11.17
CA VAL C 78 20.97 13.78 -10.13
C VAL C 78 22.42 13.87 -10.62
N ARG C 79 22.93 12.78 -11.13
CA ARG C 79 24.35 12.73 -11.56
C ARG C 79 24.60 13.58 -12.80
N GLU C 80 23.66 13.59 -13.74
CA GLU C 80 23.84 14.40 -14.98
C GLU C 80 23.96 15.89 -14.61
N ARG C 81 23.58 16.27 -13.40
CA ARG C 81 23.69 17.65 -12.95
C ARG C 81 24.84 17.83 -11.97
N GLY C 82 25.69 16.82 -11.88
CA GLY C 82 26.91 16.89 -11.09
C GLY C 82 26.71 16.73 -9.60
N LEU C 83 25.52 16.30 -9.21
CA LEU C 83 25.22 16.12 -7.79
C LEU C 83 25.17 14.64 -7.44
N ASN C 84 25.08 14.33 -6.14
CA ASN C 84 24.77 12.95 -5.73
C ASN C 84 24.08 12.92 -4.36
N ALA C 85 23.13 13.83 -4.18
CA ALA C 85 22.31 13.82 -2.98
C ALA C 85 20.85 14.08 -3.33
N ILE C 86 19.98 13.30 -2.70
CA ILE C 86 18.53 13.44 -2.82
C ILE C 86 17.97 13.87 -1.47
N VAL C 87 17.02 14.79 -1.45
CA VAL C 87 16.34 15.13 -0.19
C VAL C 87 14.84 14.80 -0.33
N LYS C 88 14.32 14.03 0.62
CA LYS C 88 12.92 13.61 0.60
C LYS C 88 12.26 14.00 1.92
N GLY C 89 10.98 14.38 1.86
CA GLY C 89 10.24 14.70 3.06
C GLY C 89 9.57 13.49 3.68
N LEU C 90 9.39 13.55 5.00
CA LEU C 90 8.61 12.57 5.75
C LEU C 90 7.37 13.23 6.33
N ARG C 91 6.22 12.59 6.13
CA ARG C 91 4.97 13.11 6.67
C ARG C 91 4.15 11.97 7.25
N THR C 92 3.03 12.30 7.86
CA THR C 92 2.07 11.29 8.29
C THR C 92 1.50 10.60 7.06
N GLY C 93 1.69 9.29 6.97
CA GLY C 93 1.23 8.54 5.81
C GLY C 93 2.32 8.16 4.83
N THR C 94 3.52 8.70 5.03
CA THR C 94 4.66 8.33 4.19
C THR C 94 4.90 6.82 4.29
N ASP C 95 5.07 6.15 3.15
CA ASP C 95 5.49 4.76 3.18
C ASP C 95 6.99 4.74 3.36
N PHE C 96 7.45 4.73 4.60
CA PHE C 96 8.86 4.96 4.87
C PHE C 96 9.68 3.75 4.47
N GLU C 97 9.08 2.57 4.60
CA GLU C 97 9.74 1.32 4.19
C GLU C 97 10.12 1.34 2.71
N TYR C 98 9.21 1.84 1.87
CA TYR C 98 9.50 1.98 0.46
C TYR C 98 10.55 3.06 0.20
N GLU C 99 10.46 4.18 0.93
CA GLU C 99 11.50 5.20 0.85
C GLU C 99 12.87 4.59 1.16
N LEU C 100 12.94 3.79 2.22
CA LEU C 100 14.20 3.14 2.56
C LEU C 100 14.66 2.19 1.46
N GLN C 101 13.73 1.46 0.87
CA GLN C 101 14.08 0.56 -0.23
C GLN C 101 14.65 1.35 -1.41
N MET C 102 13.98 2.43 -1.81
CA MET C 102 14.48 3.26 -2.90
C MET C 102 15.82 3.90 -2.56
N ALA C 103 15.98 4.35 -1.32
CA ALA C 103 17.23 4.96 -0.89
C ALA C 103 18.39 3.96 -1.04
N GLN C 104 18.20 2.74 -0.59
CA GLN C 104 19.27 1.74 -0.69
C GLN C 104 19.56 1.37 -2.13
N MET C 105 18.51 1.26 -2.94
CA MET C 105 18.68 0.93 -4.34
C MET C 105 19.43 2.05 -5.05
N ASN C 106 19.01 3.29 -4.83
CA ASN C 106 19.64 4.44 -5.45
C ASN C 106 21.11 4.58 -5.05
N LYS C 107 21.44 4.26 -3.80
CA LYS C 107 22.82 4.29 -3.35
C LYS C 107 23.60 3.18 -4.04
N HIS C 108 22.99 2.00 -4.13
CA HIS C 108 23.66 0.86 -4.76
C HIS C 108 23.98 1.14 -6.23
N ILE C 109 23.02 1.62 -6.99
CA ILE C 109 23.23 1.70 -8.44
C ILE C 109 24.03 2.92 -8.90
N ALA C 110 24.16 3.95 -8.06
CA ALA C 110 24.82 5.16 -8.53
C ALA C 110 25.54 5.96 -7.45
N GLY C 111 25.63 5.42 -6.25
CA GLY C 111 26.30 6.09 -5.15
C GLY C 111 25.66 7.39 -4.68
N VAL C 112 24.38 7.56 -4.95
CA VAL C 112 23.66 8.77 -4.54
C VAL C 112 23.08 8.58 -3.14
N ASP C 113 23.32 9.55 -2.25
CA ASP C 113 22.81 9.52 -0.89
C ASP C 113 21.39 10.08 -0.85
N THR C 114 20.58 9.59 0.08
CA THR C 114 19.25 10.17 0.31
C THR C 114 19.17 10.67 1.73
N PHE C 115 18.77 11.93 1.87
CA PHE C 115 18.52 12.51 3.17
C PHE C 115 17.04 12.74 3.38
N PHE C 116 16.52 12.28 4.51
CA PHE C 116 15.12 12.49 4.86
C PHE C 116 14.96 13.57 5.90
N VAL C 117 13.94 14.41 5.73
CA VAL C 117 13.65 15.43 6.72
C VAL C 117 12.15 15.43 7.01
N ALA C 118 11.80 15.52 8.28
CA ALA C 118 10.40 15.49 8.69
C ALA C 118 9.77 16.83 8.42
N THR C 119 8.61 16.85 7.77
CA THR C 119 7.91 18.09 7.47
C THR C 119 7.38 18.70 8.76
N ALA C 120 7.15 20.01 8.75
CA ALA C 120 6.55 20.72 9.89
C ALA C 120 5.19 20.11 10.25
N PRO C 121 4.89 20.03 11.55
CA PRO C 121 3.62 19.44 12.02
C PRO C 121 2.40 20.00 11.30
N ALA C 122 2.34 21.32 11.10
CA ALA C 122 1.19 21.94 10.43
C ALA C 122 0.94 21.37 9.03
N TYR C 123 2.00 20.91 8.38
CA TYR C 123 1.90 20.44 7.01
C TYR C 123 2.14 18.93 6.92
N SER C 124 2.08 18.27 8.07
CA SER C 124 2.44 16.86 8.17
C SER C 124 1.35 15.89 7.68
N PHE C 125 0.14 16.38 7.41
CA PHE C 125 -0.92 15.47 7.01
C PHE C 125 -1.51 15.77 5.63
N VAL C 126 -0.94 16.74 4.93
CA VAL C 126 -1.36 16.95 3.55
C VAL C 126 -0.51 16.08 2.63
N SER C 127 -1.15 15.60 1.57
CA SER C 127 -0.44 14.96 0.47
C SER C 127 -1.21 15.35 -0.78
N SER C 128 -0.58 15.19 -1.94
CA SER C 128 -1.24 15.58 -3.20
C SER C 128 -2.58 14.89 -3.40
N SER C 129 -2.59 13.57 -3.22
CA SER C 129 -3.78 12.79 -3.46
C SER C 129 -4.91 13.13 -2.49
N LEU C 130 -4.59 13.23 -1.21
CA LEU C 130 -5.62 13.54 -0.23
C LEU C 130 -6.13 14.98 -0.38
N ALA C 131 -5.25 15.91 -0.70
CA ALA C 131 -5.70 17.28 -0.92
C ALA C 131 -6.69 17.37 -2.10
N LYS C 132 -6.40 16.64 -3.18
CA LYS C 132 -7.26 16.59 -4.35
C LYS C 132 -8.62 15.95 -4.05
N GLU C 133 -8.58 14.84 -3.31
CA GLU C 133 -9.79 14.14 -2.92
C GLU C 133 -10.69 15.01 -2.05
N VAL C 134 -10.12 15.64 -1.04
CA VAL C 134 -10.88 16.53 -0.17
C VAL C 134 -11.45 17.68 -0.96
N ALA C 135 -10.65 18.23 -1.87
CA ALA C 135 -11.09 19.37 -2.68
C ALA C 135 -12.22 18.98 -3.63
N THR C 136 -12.14 17.76 -4.18
CA THR C 136 -13.15 17.23 -5.10
C THR C 136 -14.52 17.18 -4.42
N TYR C 137 -14.51 16.87 -3.12
CA TYR C 137 -15.73 16.70 -2.36
C TYR C 137 -16.15 17.98 -1.62
N GLY C 138 -15.48 19.08 -1.93
CA GLY C 138 -15.87 20.39 -1.42
C GLY C 138 -15.23 20.85 -0.12
N GLY C 139 -14.21 20.14 0.35
CA GLY C 139 -13.54 20.53 1.58
C GLY C 139 -12.50 21.61 1.35
N ASP C 140 -12.21 22.37 2.40
CA ASP C 140 -11.27 23.49 2.30
C ASP C 140 -9.83 23.11 2.65
N VAL C 141 -9.02 22.92 1.61
CA VAL C 141 -7.59 22.60 1.80
C VAL C 141 -6.68 23.80 1.52
N SER C 142 -7.27 25.00 1.54
CA SER C 142 -6.51 26.21 1.21
C SER C 142 -5.34 26.48 2.16
N ALA C 143 -5.46 26.05 3.42
CA ALA C 143 -4.39 26.28 4.38
C ALA C 143 -3.21 25.33 4.19
N LEU C 144 -3.37 24.35 3.31
CA LEU C 144 -2.39 23.28 3.14
C LEU C 144 -1.67 23.33 1.80
N LEU C 145 -2.02 24.31 0.97
CA LEU C 145 -1.46 24.46 -0.37
C LEU C 145 -1.00 25.89 -0.61
N PRO C 146 0.01 26.07 -1.48
CA PRO C 146 0.39 27.42 -1.92
C PRO C 146 -0.80 28.11 -2.59
N ALA C 147 -0.95 29.43 -2.39
CA ALA C 147 -2.12 30.16 -2.90
C ALA C 147 -2.31 29.97 -4.40
N SER C 148 -1.22 29.99 -5.15
CA SER C 148 -1.27 29.82 -6.59
C SER C 148 -1.87 28.47 -6.98
N VAL C 149 -1.44 27.42 -6.28
CA VAL C 149 -1.96 26.07 -6.51
C VAL C 149 -3.45 25.99 -6.25
N HIS C 150 -3.89 26.65 -5.18
CA HIS C 150 -5.28 26.55 -4.74
C HIS C 150 -6.27 27.01 -5.82
N GLN C 151 -5.96 28.11 -6.49
CA GLN C 151 -6.84 28.65 -7.52
C GLN C 151 -6.86 27.76 -8.75
N ARG C 152 -5.68 27.25 -9.14
CA ARG C 152 -5.59 26.36 -10.29
C ARG C 152 -6.37 25.07 -10.05
N LEU C 153 -6.32 24.60 -8.81
CA LEU C 153 -7.00 23.38 -8.40
C LEU C 153 -8.51 23.53 -8.53
N LEU C 154 -9.03 24.69 -8.12
CA LEU C 154 -10.44 24.99 -8.26
C LEU C 154 -10.84 24.98 -9.74
N GLY C 155 -9.97 25.53 -10.58
CA GLY C 155 -10.20 25.57 -12.00
C GLY C 155 -10.31 24.18 -12.60
N LYS C 156 -9.40 23.29 -12.23
CA LYS C 156 -9.40 21.93 -12.76
C LYS C 156 -10.63 21.16 -12.30
N LEU C 157 -11.19 21.55 -11.14
CA LEU C 157 -12.35 20.85 -10.59
C LEU C 157 -13.65 21.41 -11.14
N ARG C 158 -13.69 22.73 -11.36
CA ARG C 158 -14.87 23.37 -11.95
C ARG C 158 -15.07 22.92 -13.40
N GLY C 159 -14.00 22.45 -14.04
CA GLY C 159 -14.09 21.98 -15.40
C GLY C 159 -14.91 20.71 -15.53
#